data_7I2H
#
_entry.id   7I2H
#
_cell.length_a   82.375
_cell.length_b   115.505
_cell.length_c   146.633
_cell.angle_alpha   90.00
_cell.angle_beta   90.00
_cell.angle_gamma   90.00
#
_symmetry.space_group_name_H-M   'I 2 2 2'
#
loop_
_entity.id
_entity.type
_entity.pdbx_description
1 polymer 'NS5 RNA-dependent RNA polymerase'
2 non-polymer 'ZINC ION'
3 non-polymer '2-(N-MORPHOLINO)-ETHANESULFONIC ACID'
4 non-polymer 'DIMETHYL SULFOXIDE'
5 non-polymer 'PHOSPHATE ION'
6 non-polymer DI(HYDROXYETHYL)ETHER
7 non-polymer (2M)-2-(2-methoxyphenyl)-1,3,4-oxadiazole
8 non-polymer 'CHLORIDE ION'
9 water water
#
_entity_poly.entity_id   1
_entity_poly.type   'polypeptide(L)'
_entity_poly.pdbx_seq_one_letter_code
;GPGIESETPNLDIIGKRIEKIKQEHETSWHYDQDHPYKTWAYHGSYETKQTGSASSMVNGVVRLLTKPWDIIPMVTQMAM
TDTTPFGQQRVFKEKVDTRTQEPKEGTKKLMKITAEWLWKELGKKKTPRMCTREEFTRKVRSNAALGAIFTDENKWKSAR
EAVEDSGFWELVDKERNLHLEGKCETCVYNMMGKREKKLGEFGKAKGSRAIWYMWLGARFLEFEALGFLNEDHWFSRENS
LSGVEGEGLHKLGYILRDVSKKEGGAMYADDTAGWDTRITLEDLKNEEMVTNHMEGEHKKLAEAIFKLTYQNKVVRVQRP
TPRGTVMDIISRRDQRGSGQVVTYGLNTFTNMEAQLIRQMEGEGVFKSIQHLTVTEEIAVKNWLVRVGRERLSRMAISGD
DCVVKPLDDRFASALTALNDMGKVRKDIQQWEPSRGWNDWTQVPFCSHHFHELIMKDGRVLVVPCRNQDELIGRARISQG
AGWSLRETACLGKSYAQMWSLMYFHRRDLRLAANAICSAVPSHWVPTSRTTWSIHATHEWMTTEDMLTVWNRVWIQENPW
MEDKTPVESWEEIPYLGKREDQWCGSLIGLTSRATWAKNIQTAINQVRSLIGNEEYTDYMPSMKRFRREEEEAGVLW
;
_entity_poly.pdbx_strand_id   A
#
loop_
_chem_comp.id
_chem_comp.type
_chem_comp.name
_chem_comp.formula
CL non-polymer 'CHLORIDE ION' 'Cl -1'
DMS non-polymer 'DIMETHYL SULFOXIDE' 'C2 H6 O S'
K6U non-polymer (2M)-2-(2-methoxyphenyl)-1,3,4-oxadiazole 'C9 H8 N2 O2'
MES non-polymer '2-(N-MORPHOLINO)-ETHANESULFONIC ACID' 'C6 H13 N O4 S'
PEG non-polymer DI(HYDROXYETHYL)ETHER 'C4 H10 O3'
PO4 non-polymer 'PHOSPHATE ION' 'O4 P -3'
ZN non-polymer 'ZINC ION' 'Zn 2'
#
# COMPACT_ATOMS: atom_id res chain seq x y z
N ASN A 10 -17.70 -9.05 -25.22
CA ASN A 10 -17.05 -7.71 -25.25
C ASN A 10 -18.12 -6.62 -25.23
N LEU A 11 -18.65 -6.26 -26.40
CA LEU A 11 -19.66 -5.16 -26.47
C LEU A 11 -20.93 -5.64 -25.79
N ASP A 12 -21.18 -6.95 -25.80
CA ASP A 12 -22.35 -7.47 -25.06
C ASP A 12 -22.16 -7.14 -23.59
N ILE A 13 -20.92 -7.20 -23.09
CA ILE A 13 -20.64 -6.99 -21.64
C ILE A 13 -20.54 -5.51 -21.31
N ILE A 14 -20.16 -4.66 -22.28
CA ILE A 14 -19.93 -3.22 -21.97
C ILE A 14 -21.02 -2.35 -22.61
N GLY A 15 -21.66 -2.84 -23.67
CA GLY A 15 -22.67 -2.03 -24.41
C GLY A 15 -23.71 -1.42 -23.50
N LYS A 16 -24.34 -2.23 -22.66
CA LYS A 16 -25.40 -1.74 -21.75
C LYS A 16 -24.88 -0.52 -20.98
N ARG A 17 -23.67 -0.62 -20.40
CA ARG A 17 -23.05 0.48 -19.62
C ARG A 17 -22.91 1.70 -20.52
N ILE A 18 -22.43 1.48 -21.73
CA ILE A 18 -22.15 2.54 -22.75
C ILE A 18 -23.50 3.15 -23.18
N GLU A 19 -24.46 2.29 -23.55
CA GLU A 19 -25.82 2.67 -24.03
C GLU A 19 -26.48 3.62 -23.01
N LYS A 20 -26.38 3.31 -21.71
CA LYS A 20 -27.01 4.09 -20.62
C LYS A 20 -26.38 5.48 -20.53
N ILE A 21 -25.05 5.56 -20.61
CA ILE A 21 -24.31 6.84 -20.50
C ILE A 21 -24.63 7.72 -21.73
N LYS A 22 -24.68 7.11 -22.92
CA LYS A 22 -25.05 7.82 -24.18
C LYS A 22 -26.38 8.53 -23.96
N GLN A 23 -27.44 7.76 -23.67
CA GLN A 23 -28.84 8.24 -23.44
C GLN A 23 -28.87 9.39 -22.42
N GLU A 24 -28.07 9.35 -21.36
CA GLU A 24 -28.09 10.39 -20.30
C GLU A 24 -27.47 11.69 -20.84
N HIS A 25 -26.75 11.63 -21.95
CA HIS A 25 -26.11 12.80 -22.61
C HIS A 25 -26.34 12.70 -24.13
N GLU A 26 -27.61 12.64 -24.55
CA GLU A 26 -28.02 12.39 -25.98
C GLU A 26 -27.90 13.68 -26.82
N THR A 27 -27.64 14.81 -26.18
CA THR A 27 -27.57 16.16 -26.83
C THR A 27 -26.12 16.52 -27.20
N SER A 28 -25.12 15.76 -26.73
CA SER A 28 -23.67 16.09 -26.88
C SER A 28 -22.84 14.92 -27.39
N TRP A 29 -23.45 13.77 -27.74
CA TRP A 29 -22.71 12.55 -28.15
C TRP A 29 -22.10 12.74 -29.54
N HIS A 30 -20.84 12.31 -29.72
CA HIS A 30 -20.09 12.39 -31.00
C HIS A 30 -18.93 11.38 -30.99
N TYR A 31 -18.73 10.66 -32.10
CA TYR A 31 -17.60 9.72 -32.33
C TYR A 31 -16.40 10.52 -32.86
N ASP A 32 -15.66 11.16 -31.96
CA ASP A 32 -14.50 12.05 -32.27
C ASP A 32 -13.45 11.25 -33.04
N GLN A 33 -12.90 11.82 -34.11
CA GLN A 33 -11.92 11.17 -35.02
C GLN A 33 -10.48 11.52 -34.58
N ASP A 34 -10.32 12.58 -33.78
CA ASP A 34 -9.02 12.98 -33.15
C ASP A 34 -9.05 12.58 -31.68
N HIS A 35 -8.91 11.28 -31.40
CA HIS A 35 -8.80 10.69 -30.03
C HIS A 35 -7.44 10.04 -29.89
N PRO A 36 -6.72 10.26 -28.76
CA PRO A 36 -5.33 9.81 -28.62
C PRO A 36 -5.14 8.31 -28.28
N TYR A 37 -6.22 7.52 -28.31
CA TYR A 37 -6.24 6.12 -27.79
C TYR A 37 -5.90 5.15 -28.92
N LYS A 38 -4.85 4.34 -28.73
CA LYS A 38 -4.45 3.26 -29.66
C LYS A 38 -4.73 1.89 -29.00
N THR A 39 -4.42 1.74 -27.70
CA THR A 39 -4.53 0.46 -26.95
C THR A 39 -5.82 0.42 -26.11
N TRP A 40 -6.44 1.58 -25.82
CA TRP A 40 -7.79 1.67 -25.21
C TRP A 40 -8.81 1.80 -26.34
N ALA A 41 -9.84 0.94 -26.34
CA ALA A 41 -11.01 1.03 -27.24
C ALA A 41 -11.80 2.30 -26.88
N TYR A 42 -12.11 3.13 -27.89
CA TYR A 42 -12.76 4.46 -27.71
C TYR A 42 -14.16 4.44 -28.31
N HIS A 43 -15.14 4.99 -27.58
CA HIS A 43 -16.58 4.74 -27.84
C HIS A 43 -17.32 6.04 -28.17
N GLY A 44 -16.91 7.18 -27.59
CA GLY A 44 -17.54 8.49 -27.86
C GLY A 44 -17.31 9.48 -26.73
N SER A 45 -17.97 10.64 -26.77
CA SER A 45 -17.73 11.79 -25.84
C SER A 45 -19.00 12.62 -25.67
N TYR A 46 -19.16 13.30 -24.53
CA TYR A 46 -20.24 14.28 -24.20
C TYR A 46 -19.59 15.51 -23.52
N GLU A 47 -20.36 16.39 -22.87
CA GLU A 47 -19.92 17.76 -22.45
C GLU A 47 -19.76 17.85 -20.92
N THR A 48 -18.63 18.41 -20.45
CA THR A 48 -18.26 18.61 -19.02
C THR A 48 -17.19 19.71 -18.90
N SER A 56 -2.18 19.57 -3.15
CA SER A 56 -1.65 19.46 -1.77
C SER A 56 -1.50 20.85 -1.15
N MET A 57 -1.94 21.01 0.09
CA MET A 57 -1.77 22.24 0.93
C MET A 57 -0.72 22.00 2.03
N VAL A 58 -0.10 23.05 2.53
CA VAL A 58 0.89 22.90 3.64
C VAL A 58 0.20 22.96 5.00
N ASN A 59 0.57 22.03 5.87
CA ASN A 59 0.23 21.98 7.29
C ASN A 59 1.10 23.00 8.00
N GLY A 60 0.52 24.10 8.44
CA GLY A 60 1.28 25.21 9.07
C GLY A 60 1.76 24.84 10.48
N VAL A 61 1.04 23.98 11.17
CA VAL A 61 1.50 23.61 12.52
C VAL A 61 2.87 22.92 12.37
N VAL A 62 2.96 21.94 11.48
CA VAL A 62 4.21 21.14 11.30
C VAL A 62 5.31 22.06 10.75
N ARG A 63 5.00 22.89 9.76
CA ARG A 63 6.02 23.75 9.13
C ARG A 63 6.58 24.75 10.16
N LEU A 64 5.75 25.31 11.04
CA LEU A 64 6.25 26.34 11.98
C LEU A 64 7.17 25.67 12.99
N LEU A 65 7.04 24.36 13.21
CA LEU A 65 7.90 23.64 14.21
C LEU A 65 9.05 22.90 13.54
N THR A 66 9.28 23.11 12.23
CA THR A 66 10.39 22.48 11.46
C THR A 66 11.05 23.57 10.59
N LYS A 67 11.42 24.66 11.22
CA LYS A 67 11.92 25.87 10.51
C LYS A 67 13.23 25.60 9.74
N PRO A 68 14.23 24.86 10.26
CA PRO A 68 15.45 24.57 9.51
C PRO A 68 15.17 24.00 8.11
N TRP A 69 14.04 23.29 7.97
CA TRP A 69 13.74 22.59 6.71
C TRP A 69 13.11 23.55 5.69
N ASP A 70 12.85 24.80 6.06
CA ASP A 70 12.26 25.79 5.13
C ASP A 70 13.21 26.10 3.94
N ILE A 71 14.52 25.81 4.07
CA ILE A 71 15.59 26.13 3.08
C ILE A 71 16.16 24.86 2.43
N ILE A 72 15.63 23.66 2.74
CA ILE A 72 16.00 22.35 2.16
C ILE A 72 15.07 22.05 0.99
N PRO A 73 15.54 22.21 -0.27
CA PRO A 73 14.73 21.98 -1.46
C PRO A 73 14.05 20.61 -1.55
N MET A 74 14.68 19.53 -1.07
CA MET A 74 14.08 18.17 -1.04
C MET A 74 12.79 18.23 -0.18
N VAL A 75 12.76 19.03 0.90
CA VAL A 75 11.51 19.19 1.74
C VAL A 75 10.51 20.10 1.04
N THR A 76 10.91 21.31 0.69
CA THR A 76 10.02 22.38 0.17
C THR A 76 9.42 21.98 -1.18
N GLN A 77 10.17 21.30 -2.03
CA GLN A 77 9.67 20.97 -3.41
C GLN A 77 8.59 19.90 -3.34
N MET A 78 8.54 19.07 -2.30
CA MET A 78 7.53 17.98 -2.20
C MET A 78 6.14 18.59 -2.18
N ALA A 79 6.01 19.84 -1.72
CA ALA A 79 4.68 20.47 -1.50
C ALA A 79 4.24 21.23 -2.75
N MET A 80 5.06 21.33 -3.80
CA MET A 80 4.65 22.03 -5.05
C MET A 80 3.99 21.03 -6.01
N THR A 81 3.29 21.48 -7.05
CA THR A 81 2.87 20.65 -8.19
C THR A 81 1.64 21.21 -8.88
N GLU A 94 1.19 8.08 -20.24
CA GLU A 94 1.68 7.50 -21.52
C GLU A 94 2.06 6.03 -21.30
N LYS A 95 2.02 5.55 -20.05
CA LYS A 95 2.32 4.14 -19.67
C LYS A 95 1.02 3.33 -19.61
N VAL A 96 -0.10 3.97 -19.27
CA VAL A 96 -1.45 3.34 -19.20
C VAL A 96 -1.89 2.93 -20.62
N ASP A 97 -1.49 3.71 -21.63
CA ASP A 97 -1.80 3.45 -23.07
C ASP A 97 -0.64 2.64 -23.67
N THR A 98 -0.46 1.41 -23.18
CA THR A 98 0.60 0.46 -23.64
C THR A 98 0.00 -0.96 -23.67
N ARG A 99 0.65 -1.95 -24.29
CA ARG A 99 0.09 -3.32 -24.48
C ARG A 99 1.18 -4.39 -24.29
N THR A 100 1.06 -5.21 -23.23
CA THR A 100 1.93 -6.39 -22.96
C THR A 100 1.46 -7.57 -23.83
N GLN A 101 2.39 -8.36 -24.37
CA GLN A 101 2.10 -9.51 -25.28
C GLN A 101 1.47 -10.66 -24.50
N GLU A 102 0.73 -11.54 -25.19
CA GLU A 102 0.28 -12.84 -24.60
C GLU A 102 1.53 -13.66 -24.30
N PRO A 103 1.75 -14.08 -23.04
CA PRO A 103 2.84 -15.00 -22.71
C PRO A 103 2.85 -16.25 -23.60
N LYS A 104 4.01 -16.87 -23.80
CA LYS A 104 4.15 -18.22 -24.42
C LYS A 104 3.35 -19.25 -23.60
N GLU A 105 2.98 -20.37 -24.25
CA GLU A 105 2.16 -21.46 -23.68
C GLU A 105 2.83 -22.04 -22.44
N GLY A 106 4.16 -22.11 -22.44
CA GLY A 106 4.93 -22.70 -21.32
C GLY A 106 4.77 -21.84 -20.07
N THR A 107 4.90 -20.52 -20.23
CA THR A 107 4.65 -19.50 -19.19
C THR A 107 3.22 -19.64 -18.65
N LYS A 108 2.22 -19.59 -19.54
CA LYS A 108 0.78 -19.68 -19.17
C LYS A 108 0.51 -20.94 -18.34
N LYS A 109 1.20 -22.04 -18.64
CA LYS A 109 1.03 -23.33 -17.91
C LYS A 109 1.70 -23.22 -16.53
N LEU A 110 2.85 -22.54 -16.46
CA LEU A 110 3.63 -22.32 -15.21
C LEU A 110 2.77 -21.53 -14.23
N MET A 111 2.16 -20.45 -14.70
CA MET A 111 1.29 -19.55 -13.91
C MET A 111 0.07 -20.32 -13.40
N LYS A 112 -0.73 -20.88 -14.34
CA LYS A 112 -2.00 -21.59 -14.06
C LYS A 112 -1.76 -22.62 -12.94
N ILE A 113 -0.73 -23.47 -13.08
CA ILE A 113 -0.41 -24.50 -12.06
C ILE A 113 -0.06 -23.84 -10.72
N THR A 114 0.76 -22.78 -10.76
CA THR A 114 1.23 -22.09 -9.52
C THR A 114 0.03 -21.42 -8.85
N ALA A 115 -0.85 -20.76 -9.63
CA ALA A 115 -2.00 -19.98 -9.15
C ALA A 115 -3.00 -20.93 -8.49
N GLU A 116 -3.33 -22.03 -9.17
CA GLU A 116 -4.25 -23.09 -8.64
C GLU A 116 -3.71 -23.57 -7.29
N TRP A 117 -2.42 -23.88 -7.21
CA TRP A 117 -1.76 -24.32 -5.96
C TRP A 117 -1.78 -23.20 -4.91
N LEU A 118 -1.63 -21.94 -5.33
CA LEU A 118 -1.47 -20.81 -4.35
C LEU A 118 -2.83 -20.50 -3.68
N TRP A 119 -3.90 -20.37 -4.47
CA TRP A 119 -5.28 -20.20 -3.94
C TRP A 119 -5.62 -21.36 -2.98
N LYS A 120 -5.20 -22.59 -3.31
CA LYS A 120 -5.38 -23.78 -2.43
C LYS A 120 -4.67 -23.52 -1.10
N GLU A 121 -3.42 -23.05 -1.09
CA GLU A 121 -2.69 -22.90 0.19
C GLU A 121 -3.31 -21.77 1.01
N LEU A 122 -3.73 -20.71 0.33
CA LEU A 122 -4.23 -19.51 1.02
C LEU A 122 -5.56 -19.89 1.67
N GLY A 123 -6.32 -20.77 1.02
CA GLY A 123 -7.67 -21.21 1.42
C GLY A 123 -7.66 -22.35 2.41
N LYS A 124 -6.51 -22.91 2.80
CA LYS A 124 -6.45 -24.09 3.70
C LYS A 124 -7.03 -23.76 5.08
N LYS A 125 -6.88 -22.54 5.58
CA LYS A 125 -7.25 -22.14 6.97
C LYS A 125 -8.14 -20.89 6.95
N LYS A 126 -8.78 -20.61 5.83
CA LYS A 126 -9.60 -19.40 5.63
C LYS A 126 -10.84 -19.85 4.87
N THR A 127 -11.97 -19.19 5.14
CA THR A 127 -13.26 -19.45 4.49
C THR A 127 -13.64 -18.21 3.69
N PRO A 128 -13.66 -18.29 2.35
CA PRO A 128 -14.25 -17.21 1.57
C PRO A 128 -15.68 -16.92 2.08
N ARG A 129 -16.10 -15.68 2.05
CA ARG A 129 -17.47 -15.34 2.51
C ARG A 129 -17.82 -13.97 1.99
N MET A 130 -19.11 -13.66 1.92
CA MET A 130 -19.61 -12.33 1.51
C MET A 130 -19.37 -11.35 2.65
N CYS A 131 -19.05 -10.11 2.32
CA CYS A 131 -19.05 -8.99 3.30
C CYS A 131 -20.43 -8.27 3.25
N THR A 132 -20.84 -7.60 4.33
CA THR A 132 -22.26 -7.23 4.56
C THR A 132 -22.47 -5.71 4.44
N ARG A 133 -23.71 -5.30 4.15
CA ARG A 133 -24.18 -3.88 4.24
C ARG A 133 -23.74 -3.31 5.59
N GLU A 134 -23.88 -4.09 6.66
CA GLU A 134 -23.58 -3.70 8.05
C GLU A 134 -22.09 -3.37 8.22
N GLU A 135 -21.18 -4.27 7.82
CA GLU A 135 -19.72 -4.08 8.03
C GLU A 135 -19.19 -3.06 7.02
N PHE A 136 -19.87 -2.91 5.88
CA PHE A 136 -19.58 -1.89 4.83
C PHE A 136 -19.88 -0.49 5.38
N THR A 137 -20.96 -0.36 6.15
CA THR A 137 -21.40 0.91 6.79
C THR A 137 -20.38 1.34 7.86
N ARG A 138 -19.96 0.41 8.71
CA ARG A 138 -18.96 0.65 9.79
C ARG A 138 -17.68 1.28 9.21
N LYS A 139 -17.44 1.12 7.91
CA LYS A 139 -16.30 1.74 7.17
C LYS A 139 -16.66 3.16 6.73
N VAL A 140 -17.92 3.41 6.33
CA VAL A 140 -18.39 4.75 5.84
C VAL A 140 -18.53 5.70 7.05
N ARG A 141 -18.89 5.16 8.22
CA ARG A 141 -19.03 5.92 9.50
C ARG A 141 -17.67 6.07 10.18
N SER A 142 -16.61 5.48 9.62
CA SER A 142 -15.21 5.57 10.14
C SER A 142 -14.32 6.38 9.19
N ASN A 143 -14.91 6.99 8.15
CA ASN A 143 -14.20 7.77 7.09
C ASN A 143 -12.98 6.98 6.60
N ALA A 144 -13.22 5.89 5.88
CA ALA A 144 -12.19 5.12 5.14
C ALA A 144 -12.35 5.38 3.64
N ALA A 145 -11.29 5.18 2.86
CA ALA A 145 -11.27 5.29 1.38
C ALA A 145 -12.15 4.17 0.80
N LEU A 146 -13.30 4.53 0.22
CA LEU A 146 -14.28 3.59 -0.38
C LEU A 146 -14.26 3.70 -1.91
N GLY A 147 -13.67 4.78 -2.45
CA GLY A 147 -13.71 5.11 -3.89
C GLY A 147 -15.10 5.55 -4.32
N ALA A 148 -15.72 6.44 -3.53
CA ALA A 148 -17.07 7.01 -3.78
C ALA A 148 -17.07 8.49 -3.39
N TRP A 156 -26.91 12.24 -3.16
CA TRP A 156 -26.32 12.32 -1.80
C TRP A 156 -24.98 13.07 -1.87
N LYS A 157 -24.67 13.85 -0.84
CA LYS A 157 -23.44 14.69 -0.75
C LYS A 157 -22.21 13.79 -0.67
N SER A 158 -22.07 13.04 0.43
CA SER A 158 -20.95 12.11 0.72
C SER A 158 -21.48 10.67 0.81
N ALA A 159 -20.57 9.71 0.99
CA ALA A 159 -20.88 8.27 1.20
C ALA A 159 -21.65 8.07 2.51
N ARG A 160 -21.36 8.90 3.51
CA ARG A 160 -21.97 8.85 4.88
C ARG A 160 -23.49 9.08 4.80
N GLU A 161 -23.96 9.81 3.78
CA GLU A 161 -25.40 10.16 3.59
C GLU A 161 -26.15 8.99 2.93
N ALA A 162 -25.64 8.49 1.80
CA ALA A 162 -26.31 7.51 0.90
C ALA A 162 -26.62 6.20 1.65
N VAL A 163 -25.76 5.81 2.59
CA VAL A 163 -25.86 4.53 3.36
C VAL A 163 -27.11 4.57 4.26
N GLU A 164 -27.47 5.75 4.77
CA GLU A 164 -28.64 5.94 5.67
C GLU A 164 -29.94 5.80 4.86
N ASP A 165 -29.91 6.13 3.56
CA ASP A 165 -31.07 6.09 2.64
C ASP A 165 -31.28 4.66 2.15
N SER A 166 -32.52 4.18 2.16
CA SER A 166 -32.94 2.82 1.70
C SER A 166 -33.27 2.84 0.20
N GLY A 167 -33.47 4.03 -0.39
CA GLY A 167 -33.61 4.23 -1.84
C GLY A 167 -32.33 3.89 -2.58
N PHE A 168 -31.18 4.17 -1.97
CA PHE A 168 -29.83 3.80 -2.45
C PHE A 168 -29.73 2.29 -2.65
N TRP A 169 -30.10 1.52 -1.61
CA TRP A 169 -29.98 0.04 -1.57
C TRP A 169 -30.94 -0.61 -2.58
N GLU A 170 -32.08 0.04 -2.86
CA GLU A 170 -33.06 -0.42 -3.88
C GLU A 170 -32.39 -0.39 -5.26
N LEU A 171 -31.46 0.54 -5.48
CA LEU A 171 -30.65 0.65 -6.73
C LEU A 171 -29.55 -0.42 -6.70
N VAL A 172 -28.93 -0.64 -5.54
CA VAL A 172 -27.88 -1.69 -5.33
C VAL A 172 -28.46 -3.06 -5.70
N ASP A 173 -29.69 -3.35 -5.26
CA ASP A 173 -30.38 -4.63 -5.54
C ASP A 173 -30.63 -4.74 -7.05
N LYS A 174 -30.95 -3.63 -7.70
CA LYS A 174 -31.20 -3.64 -9.16
C LYS A 174 -29.92 -4.22 -9.76
N GLU A 175 -28.77 -3.57 -9.48
CA GLU A 175 -27.43 -3.95 -10.03
C GLU A 175 -27.08 -5.38 -9.59
N ARG A 176 -27.15 -5.65 -8.29
CA ARG A 176 -26.89 -7.00 -7.71
C ARG A 176 -27.63 -8.04 -8.55
N ASN A 177 -28.95 -7.88 -8.74
CA ASN A 177 -29.79 -8.81 -9.55
C ASN A 177 -29.27 -8.84 -10.99
N LEU A 178 -28.88 -7.69 -11.55
CA LEU A 178 -28.24 -7.64 -12.90
C LEU A 178 -27.00 -8.54 -12.96
N HIS A 179 -26.10 -8.44 -11.99
CA HIS A 179 -24.84 -9.24 -11.90
C HIS A 179 -25.16 -10.74 -11.85
N LEU A 180 -26.20 -11.13 -11.09
CA LEU A 180 -26.67 -12.54 -10.97
C LEU A 180 -27.16 -13.03 -12.34
N GLU A 181 -27.63 -12.12 -13.20
CA GLU A 181 -28.11 -12.41 -14.58
C GLU A 181 -26.99 -12.15 -15.61
N GLY A 182 -25.73 -12.05 -15.14
CA GLY A 182 -24.52 -11.94 -15.99
C GLY A 182 -24.45 -10.63 -16.76
N LYS A 183 -25.10 -9.57 -16.26
CA LYS A 183 -25.16 -8.23 -16.90
C LYS A 183 -24.68 -7.17 -15.92
N CYS A 184 -24.32 -5.98 -16.42
CA CYS A 184 -23.85 -4.82 -15.60
C CYS A 184 -24.33 -3.53 -16.29
N GLU A 185 -24.69 -2.52 -15.49
CA GLU A 185 -25.36 -1.28 -15.98
C GLU A 185 -24.61 -0.03 -15.50
N THR A 186 -24.23 0.04 -14.22
CA THR A 186 -23.79 1.30 -13.55
C THR A 186 -22.36 1.21 -12.98
N CYS A 187 -21.67 0.07 -13.09
CA CYS A 187 -20.28 -0.11 -12.57
C CYS A 187 -19.27 0.44 -13.60
N VAL A 188 -19.07 1.76 -13.59
CA VAL A 188 -18.20 2.51 -14.54
C VAL A 188 -17.11 3.26 -13.74
N TYR A 189 -15.85 3.09 -14.14
CA TYR A 189 -14.67 3.75 -13.52
C TYR A 189 -14.57 5.19 -14.02
N ASN A 190 -14.09 6.10 -13.17
CA ASN A 190 -13.92 7.55 -13.47
C ASN A 190 -12.44 7.93 -13.32
N MET A 191 -11.70 8.02 -14.43
CA MET A 191 -10.28 8.44 -14.47
C MET A 191 -10.22 9.95 -14.17
N MET A 192 -9.29 10.36 -13.28
CA MET A 192 -9.14 11.75 -12.81
C MET A 192 -7.65 12.10 -12.69
N ALA A 210 -6.00 9.64 -8.05
CA ALA A 210 -5.19 8.39 -7.97
C ALA A 210 -6.11 7.17 -8.06
N ILE A 211 -7.29 7.23 -7.44
CA ILE A 211 -8.34 6.16 -7.43
C ILE A 211 -9.38 6.52 -8.50
N TRP A 212 -9.94 5.51 -9.18
CA TRP A 212 -11.11 5.67 -10.08
C TRP A 212 -12.39 5.54 -9.25
N TYR A 213 -13.03 6.66 -8.90
CA TYR A 213 -14.23 6.71 -8.02
C TYR A 213 -15.45 6.18 -8.77
N MET A 214 -16.27 5.36 -8.08
CA MET A 214 -17.50 4.73 -8.62
C MET A 214 -18.72 5.22 -7.84
N TRP A 215 -19.93 4.93 -8.33
CA TRP A 215 -21.19 5.12 -7.57
C TRP A 215 -21.19 4.14 -6.38
N LEU A 216 -21.55 4.62 -5.19
CA LEU A 216 -21.36 3.92 -3.90
C LEU A 216 -21.82 2.46 -4.00
N GLY A 217 -22.86 2.17 -4.79
CA GLY A 217 -23.43 0.82 -4.96
C GLY A 217 -22.43 -0.17 -5.54
N ALA A 218 -21.63 0.26 -6.52
CA ALA A 218 -20.59 -0.57 -7.18
C ALA A 218 -19.45 -0.85 -6.20
N ARG A 219 -19.17 0.09 -5.29
CA ARG A 219 -18.09 -0.01 -4.28
C ARG A 219 -18.49 -1.03 -3.19
N PHE A 220 -19.79 -1.19 -2.96
CA PHE A 220 -20.34 -2.22 -2.04
C PHE A 220 -20.26 -3.60 -2.70
N LEU A 221 -20.82 -3.73 -3.90
CA LEU A 221 -20.91 -5.01 -4.67
C LEU A 221 -19.50 -5.60 -4.83
N GLU A 222 -18.49 -4.75 -5.03
CA GLU A 222 -17.06 -5.16 -5.11
C GLU A 222 -16.60 -5.64 -3.72
N PHE A 223 -16.93 -4.88 -2.68
CA PHE A 223 -16.65 -5.21 -1.25
C PHE A 223 -17.37 -6.49 -0.81
N GLU A 224 -18.60 -6.67 -1.31
CA GLU A 224 -19.47 -7.85 -1.03
C GLU A 224 -18.76 -9.12 -1.51
N ALA A 225 -18.31 -9.13 -2.77
CA ALA A 225 -17.72 -10.31 -3.43
C ALA A 225 -16.28 -10.57 -2.98
N LEU A 226 -15.47 -9.53 -2.71
CA LEU A 226 -13.99 -9.74 -2.60
C LEU A 226 -13.40 -9.14 -1.31
N GLY A 227 -14.16 -8.37 -0.53
CA GLY A 227 -13.67 -7.73 0.70
C GLY A 227 -13.07 -8.74 1.66
N PHE A 228 -13.47 -10.00 1.55
CA PHE A 228 -12.98 -11.02 2.52
C PHE A 228 -11.45 -11.09 2.44
N LEU A 229 -10.90 -10.90 1.24
CA LEU A 229 -9.43 -10.90 0.98
C LEU A 229 -8.75 -9.90 1.94
N ASN A 230 -9.32 -8.69 2.03
CA ASN A 230 -8.82 -7.60 2.89
C ASN A 230 -9.05 -7.93 4.38
N GLU A 231 -10.31 -8.02 4.80
CA GLU A 231 -10.69 -7.97 6.25
C GLU A 231 -10.43 -9.31 6.94
N ASP A 232 -10.32 -10.42 6.21
CA ASP A 232 -10.02 -11.77 6.78
C ASP A 232 -8.52 -12.08 6.64
N HIS A 233 -7.72 -11.10 6.22
CA HIS A 233 -6.23 -11.14 6.28
C HIS A 233 -5.67 -12.35 5.52
N TRP A 234 -6.10 -12.53 4.29
CA TRP A 234 -5.63 -13.66 3.44
C TRP A 234 -4.10 -13.54 3.20
N PHE A 235 -3.58 -12.31 3.18
CA PHE A 235 -2.16 -11.98 2.88
C PHE A 235 -1.39 -11.65 4.17
N SER A 236 -1.90 -12.06 5.33
CA SER A 236 -1.17 -12.00 6.61
C SER A 236 0.10 -12.84 6.44
N ARG A 237 1.15 -12.61 7.25
CA ARG A 237 2.32 -13.50 7.15
C ARG A 237 1.97 -14.93 7.59
N GLU A 238 1.23 -15.07 8.68
CA GLU A 238 0.82 -16.39 9.25
C GLU A 238 0.14 -17.26 8.20
N ASN A 239 -0.73 -16.67 7.37
CA ASN A 239 -1.60 -17.40 6.41
C ASN A 239 -0.88 -17.66 5.08
N SER A 240 -0.19 -16.65 4.54
CA SER A 240 0.38 -16.64 3.15
C SER A 240 1.88 -16.93 3.14
N LEU A 241 2.56 -16.76 4.28
CA LEU A 241 4.03 -17.03 4.47
C LEU A 241 4.95 -15.97 3.82
N SER A 242 4.55 -15.46 2.64
CA SER A 242 5.25 -14.36 1.90
C SER A 242 4.69 -13.00 2.33
N GLY A 243 3.38 -12.92 2.59
CA GLY A 243 2.68 -11.65 2.83
C GLY A 243 3.12 -10.94 4.09
N VAL A 244 2.83 -9.65 4.14
CA VAL A 244 3.00 -8.80 5.35
C VAL A 244 1.75 -7.91 5.67
N GLU A 245 0.56 -8.31 5.20
CA GLU A 245 -0.71 -7.56 5.40
C GLU A 245 -1.01 -7.43 6.89
N GLY A 246 -1.24 -6.21 7.38
CA GLY A 246 -1.52 -6.00 8.80
C GLY A 246 -0.27 -6.15 9.66
N GLU A 247 0.95 -6.35 9.13
CA GLU A 247 2.09 -6.63 10.04
C GLU A 247 2.49 -5.32 10.73
N GLY A 248 2.49 -4.18 10.05
CA GLY A 248 2.95 -2.95 10.72
C GLY A 248 4.45 -2.69 10.50
N LEU A 249 4.80 -1.42 10.40
N LEU A 249 4.79 -1.40 10.32
CA LEU A 249 6.13 -0.92 10.00
CA LEU A 249 6.16 -0.91 10.01
C LEU A 249 7.18 -1.27 11.06
C LEU A 249 7.16 -1.47 11.02
N HIS A 250 6.76 -1.56 12.29
CA HIS A 250 7.64 -2.01 13.41
C HIS A 250 7.89 -3.51 13.35
N LYS A 251 7.24 -4.24 12.42
CA LYS A 251 7.50 -5.69 12.25
C LYS A 251 8.32 -5.98 10.97
N LEU A 252 8.24 -5.15 9.93
CA LEU A 252 8.82 -5.44 8.58
C LEU A 252 10.33 -5.71 8.73
N GLY A 253 11.03 -4.92 9.56
CA GLY A 253 12.47 -5.10 9.82
C GLY A 253 12.81 -6.47 10.39
N TYR A 254 12.07 -6.90 11.39
CA TYR A 254 12.22 -8.23 12.04
C TYR A 254 11.91 -9.31 11.01
N ILE A 255 10.95 -9.05 10.14
CA ILE A 255 10.58 -10.05 9.11
C ILE A 255 11.74 -10.22 8.13
N LEU A 256 12.30 -9.12 7.60
CA LEU A 256 13.45 -9.16 6.68
C LEU A 256 14.66 -9.83 7.35
N ARG A 257 14.90 -9.57 8.63
CA ARG A 257 16.02 -10.22 9.38
C ARG A 257 15.78 -11.73 9.49
N ASP A 258 14.53 -12.17 9.65
CA ASP A 258 14.21 -13.63 9.67
C ASP A 258 14.48 -14.24 8.28
N VAL A 259 14.10 -13.59 7.19
CA VAL A 259 14.42 -14.07 5.83
C VAL A 259 15.94 -14.21 5.72
N SER A 260 16.72 -13.24 6.20
CA SER A 260 18.21 -13.19 6.17
C SER A 260 18.76 -14.45 6.83
N LYS A 261 18.12 -15.00 7.85
CA LYS A 261 18.62 -16.13 8.67
C LYS A 261 18.59 -17.43 7.87
N LYS A 262 17.81 -17.50 6.79
CA LYS A 262 17.71 -18.67 5.88
C LYS A 262 19.04 -18.84 5.15
N GLU A 263 19.41 -20.09 4.85
CA GLU A 263 20.58 -20.39 3.98
C GLU A 263 20.18 -19.96 2.58
N GLY A 264 21.07 -19.28 1.85
CA GLY A 264 20.90 -19.06 0.41
C GLY A 264 21.77 -17.94 -0.14
N GLY A 265 21.33 -17.35 -1.24
CA GLY A 265 22.14 -16.32 -1.94
C GLY A 265 21.85 -14.92 -1.42
N ALA A 266 22.10 -13.92 -2.26
CA ALA A 266 21.87 -12.50 -1.94
C ALA A 266 20.37 -12.32 -1.70
N MET A 267 20.00 -11.16 -1.19
CA MET A 267 18.58 -10.73 -1.14
C MET A 267 18.32 -9.85 -2.37
N TYR A 268 17.31 -10.19 -3.14
CA TYR A 268 16.90 -9.50 -4.37
C TYR A 268 15.62 -8.70 -4.10
N ALA A 269 15.58 -7.49 -4.62
CA ALA A 269 14.50 -6.53 -4.43
C ALA A 269 14.34 -5.75 -5.72
N ASP A 270 13.93 -6.44 -6.77
CA ASP A 270 13.72 -5.85 -8.11
C ASP A 270 12.33 -5.26 -8.15
N ASP A 271 12.26 -3.95 -8.32
CA ASP A 271 11.00 -3.23 -8.63
C ASP A 271 10.60 -3.53 -10.08
N THR A 272 9.30 -3.72 -10.30
CA THR A 272 8.70 -3.84 -11.66
C THR A 272 8.37 -2.44 -12.17
N ALA A 273 8.52 -2.21 -13.47
CA ALA A 273 8.28 -0.92 -14.15
C ALA A 273 6.80 -0.80 -14.53
N GLY A 274 6.01 -0.15 -13.67
CA GLY A 274 4.56 0.08 -13.86
C GLY A 274 3.75 -1.19 -13.70
N TRP A 275 3.89 -1.86 -12.56
CA TRP A 275 3.26 -3.18 -12.26
C TRP A 275 1.81 -3.23 -12.75
N ASP A 276 1.00 -2.22 -12.42
CA ASP A 276 -0.45 -2.18 -12.73
C ASP A 276 -0.68 -2.22 -14.24
N THR A 277 0.20 -1.58 -15.03
CA THR A 277 0.09 -1.53 -16.52
C THR A 277 0.55 -2.86 -17.14
N ARG A 278 1.21 -3.73 -16.36
CA ARG A 278 1.86 -4.99 -16.83
C ARG A 278 1.01 -6.21 -16.46
N ILE A 279 -0.19 -6.02 -15.91
CA ILE A 279 -1.12 -7.12 -15.54
C ILE A 279 -1.82 -7.62 -16.81
N THR A 280 -1.60 -8.89 -17.16
CA THR A 280 -2.12 -9.49 -18.42
C THR A 280 -3.53 -9.98 -18.13
N LEU A 281 -4.34 -10.20 -19.18
CA LEU A 281 -5.64 -10.90 -19.01
C LEU A 281 -5.37 -12.31 -18.45
N GLU A 282 -4.22 -12.91 -18.72
CA GLU A 282 -3.86 -14.24 -18.13
C GLU A 282 -3.70 -14.13 -16.61
N ASP A 283 -3.15 -13.01 -16.13
CA ASP A 283 -3.02 -12.71 -14.67
C ASP A 283 -4.44 -12.56 -14.08
N LEU A 284 -5.29 -11.74 -14.73
CA LEU A 284 -6.68 -11.50 -14.30
C LEU A 284 -7.48 -12.82 -14.21
N LYS A 285 -7.23 -13.77 -15.11
CA LYS A 285 -7.90 -15.11 -15.14
C LYS A 285 -7.36 -16.00 -14.02
N ASN A 286 -6.07 -15.98 -13.77
CA ASN A 286 -5.49 -16.75 -12.64
C ASN A 286 -6.00 -16.20 -11.29
N GLU A 287 -6.20 -14.88 -11.19
CA GLU A 287 -6.77 -14.18 -10.00
C GLU A 287 -8.23 -14.62 -9.77
N GLU A 288 -9.01 -14.76 -10.86
CA GLU A 288 -10.43 -15.18 -10.86
C GLU A 288 -10.58 -16.58 -10.23
N MET A 289 -9.53 -17.41 -10.29
CA MET A 289 -9.59 -18.80 -9.77
C MET A 289 -9.89 -18.81 -8.29
N VAL A 290 -9.84 -17.66 -7.58
CA VAL A 290 -10.29 -17.67 -6.16
C VAL A 290 -11.78 -18.08 -6.10
N THR A 291 -12.58 -17.78 -7.13
CA THR A 291 -14.02 -18.17 -7.19
C THR A 291 -14.18 -19.70 -7.11
N ASN A 292 -13.18 -20.49 -7.48
CA ASN A 292 -13.29 -21.97 -7.33
C ASN A 292 -13.34 -22.41 -5.86
N HIS A 293 -13.11 -21.54 -4.87
CA HIS A 293 -13.12 -21.93 -3.43
C HIS A 293 -14.41 -21.46 -2.76
N MET A 294 -15.30 -20.88 -3.55
CA MET A 294 -16.53 -20.15 -3.16
C MET A 294 -17.75 -21.04 -3.43
N GLU A 295 -18.94 -20.53 -3.17
CA GLU A 295 -20.20 -21.30 -3.33
C GLU A 295 -21.42 -20.40 -3.32
N GLY A 296 -22.50 -20.97 -3.81
CA GLY A 296 -23.83 -20.32 -3.83
C GLY A 296 -23.76 -19.01 -4.58
N GLU A 297 -24.44 -18.02 -3.99
CA GLU A 297 -24.60 -16.64 -4.47
C GLU A 297 -23.23 -15.97 -4.56
N HIS A 298 -22.38 -16.20 -3.56
CA HIS A 298 -21.06 -15.55 -3.40
C HIS A 298 -20.28 -15.80 -4.68
N LYS A 299 -20.18 -17.08 -5.03
CA LYS A 299 -19.49 -17.53 -6.25
C LYS A 299 -20.05 -16.74 -7.44
N LYS A 300 -21.36 -16.64 -7.60
CA LYS A 300 -21.96 -15.95 -8.79
C LYS A 300 -21.59 -14.47 -8.70
N LEU A 301 -21.68 -13.90 -7.51
CA LEU A 301 -21.44 -12.44 -7.31
C LEU A 301 -19.96 -12.15 -7.64
N ALA A 302 -19.00 -12.94 -7.11
CA ALA A 302 -17.55 -12.77 -7.35
C ALA A 302 -17.24 -12.97 -8.83
N GLU A 303 -17.77 -14.05 -9.44
CA GLU A 303 -17.52 -14.33 -10.87
C GLU A 303 -17.91 -13.11 -11.72
N ALA A 304 -18.97 -12.41 -11.34
CA ALA A 304 -19.49 -11.27 -12.09
C ALA A 304 -18.51 -10.10 -11.98
N ILE A 305 -18.06 -9.79 -10.76
CA ILE A 305 -17.11 -8.67 -10.50
C ILE A 305 -15.89 -8.96 -11.40
N PHE A 306 -15.37 -10.18 -11.36
CA PHE A 306 -14.17 -10.55 -12.15
C PHE A 306 -14.47 -10.36 -13.64
N LYS A 307 -15.59 -10.89 -14.13
CA LYS A 307 -15.96 -10.94 -15.57
C LYS A 307 -16.25 -9.53 -16.08
N LEU A 308 -17.05 -8.76 -15.34
CA LEU A 308 -17.77 -7.60 -15.90
C LEU A 308 -17.07 -6.26 -15.53
N THR A 309 -16.36 -6.18 -14.41
CA THR A 309 -15.67 -4.93 -13.97
C THR A 309 -14.16 -5.07 -14.18
N TYR A 310 -13.53 -6.22 -13.87
CA TYR A 310 -12.05 -6.42 -13.89
C TYR A 310 -11.55 -6.83 -15.29
N GLN A 311 -12.10 -7.89 -15.89
CA GLN A 311 -11.66 -8.49 -17.19
C GLN A 311 -12.35 -7.78 -18.37
N ASN A 312 -13.17 -6.75 -18.09
CA ASN A 312 -13.75 -5.77 -19.06
C ASN A 312 -13.99 -4.45 -18.31
N LYS A 313 -13.18 -3.43 -18.56
CA LYS A 313 -13.28 -2.15 -17.83
C LYS A 313 -14.04 -1.17 -18.72
N VAL A 314 -14.80 -0.27 -18.12
CA VAL A 314 -15.40 0.88 -18.83
C VAL A 314 -15.02 2.08 -17.97
N VAL A 315 -14.46 3.09 -18.62
CA VAL A 315 -13.84 4.26 -17.96
C VAL A 315 -14.29 5.51 -18.70
N ARG A 316 -14.66 6.54 -17.93
CA ARG A 316 -14.95 7.91 -18.40
C ARG A 316 -13.78 8.82 -18.00
N VAL A 317 -13.03 9.30 -19.00
CA VAL A 317 -11.76 10.09 -18.86
C VAL A 317 -12.04 11.56 -19.22
N GLN A 318 -11.24 12.48 -18.66
CA GLN A 318 -11.19 13.92 -19.06
C GLN A 318 -10.20 14.11 -20.22
N ARG A 319 -10.49 15.02 -21.17
CA ARG A 319 -9.55 15.40 -22.26
C ARG A 319 -9.68 16.89 -22.57
N PRO A 320 -8.68 17.74 -22.24
CA PRO A 320 -8.79 19.20 -22.41
C PRO A 320 -9.19 19.71 -23.81
N THR A 321 -8.72 19.05 -24.87
CA THR A 321 -8.89 19.43 -26.30
C THR A 321 -10.32 19.95 -26.56
N THR A 325 -12.85 20.27 -23.05
CA THR A 325 -12.98 19.19 -22.05
C THR A 325 -14.22 18.33 -22.38
N VAL A 326 -14.02 17.23 -23.12
CA VAL A 326 -15.03 16.14 -23.33
C VAL A 326 -14.73 15.02 -22.33
N MET A 327 -15.69 14.10 -22.18
CA MET A 327 -15.56 12.87 -21.37
C MET A 327 -15.48 11.67 -22.33
N ASP A 328 -14.27 11.24 -22.67
CA ASP A 328 -14.06 10.05 -23.53
C ASP A 328 -14.53 8.81 -22.77
N ILE A 329 -15.28 7.94 -23.45
CA ILE A 329 -15.74 6.66 -22.87
C ILE A 329 -14.91 5.60 -23.53
N ILE A 330 -13.98 5.05 -22.78
CA ILE A 330 -12.97 4.12 -23.32
C ILE A 330 -13.18 2.79 -22.59
N SER A 331 -12.61 1.71 -23.12
CA SER A 331 -12.71 0.33 -22.57
C SER A 331 -11.42 -0.44 -22.84
N ARG A 332 -11.14 -1.45 -22.01
CA ARG A 332 -10.00 -2.38 -22.17
C ARG A 332 -10.24 -3.63 -21.31
N ARG A 333 -9.61 -4.75 -21.67
CA ARG A 333 -9.79 -6.03 -20.95
C ARG A 333 -8.68 -6.22 -19.91
N ASP A 334 -7.47 -5.73 -20.20
CA ASP A 334 -6.23 -6.06 -19.45
C ASP A 334 -5.83 -4.88 -18.57
N GLN A 335 -4.63 -4.95 -18.00
CA GLN A 335 -4.05 -4.03 -16.99
C GLN A 335 -4.85 -4.15 -15.69
N ARG A 336 -4.29 -3.65 -14.58
CA ARG A 336 -4.96 -3.55 -13.27
C ARG A 336 -5.88 -2.33 -13.28
N GLY A 337 -5.49 -1.27 -13.99
CA GLY A 337 -6.08 0.08 -13.87
C GLY A 337 -5.99 0.58 -12.45
N SER A 338 -6.87 1.49 -12.08
CA SER A 338 -7.25 1.80 -10.68
C SER A 338 -8.64 1.22 -10.46
N GLY A 339 -9.39 1.72 -9.47
CA GLY A 339 -10.80 1.33 -9.27
C GLY A 339 -10.96 0.03 -8.51
N GLN A 340 -9.92 -0.81 -8.40
CA GLN A 340 -10.01 -2.13 -7.73
C GLN A 340 -9.67 -1.97 -6.23
N VAL A 341 -10.62 -2.31 -5.36
CA VAL A 341 -10.52 -2.18 -3.88
C VAL A 341 -9.63 -3.31 -3.33
N VAL A 342 -9.46 -4.39 -4.09
CA VAL A 342 -8.59 -5.56 -3.70
C VAL A 342 -7.33 -5.55 -4.58
N THR A 343 -6.91 -4.37 -5.05
CA THR A 343 -5.67 -4.22 -5.87
C THR A 343 -4.44 -4.71 -5.09
N TYR A 344 -4.31 -4.28 -3.82
CA TYR A 344 -3.21 -4.69 -2.94
C TYR A 344 -3.17 -6.23 -2.91
N GLY A 345 -4.31 -6.85 -2.62
CA GLY A 345 -4.34 -8.30 -2.35
C GLY A 345 -4.03 -9.09 -3.60
N LEU A 346 -4.59 -8.67 -4.73
CA LEU A 346 -4.45 -9.37 -6.02
C LEU A 346 -3.03 -9.13 -6.58
N ASN A 347 -2.48 -7.92 -6.42
CA ASN A 347 -1.05 -7.64 -6.67
C ASN A 347 -0.15 -8.55 -5.81
N THR A 348 -0.42 -8.68 -4.52
CA THR A 348 0.39 -9.57 -3.66
C THR A 348 0.32 -10.99 -4.25
N PHE A 349 -0.88 -11.47 -4.57
CA PHE A 349 -1.12 -12.83 -5.10
C PHE A 349 -0.25 -13.08 -6.35
N THR A 350 -0.37 -12.21 -7.36
CA THR A 350 0.26 -12.38 -8.69
C THR A 350 1.79 -12.24 -8.55
N ASN A 351 2.26 -11.32 -7.70
CA ASN A 351 3.69 -11.12 -7.39
C ASN A 351 4.23 -12.38 -6.70
N MET A 352 3.50 -12.95 -5.74
CA MET A 352 3.89 -14.21 -5.07
C MET A 352 4.09 -15.30 -6.14
N GLU A 353 3.16 -15.39 -7.08
CA GLU A 353 3.17 -16.41 -8.16
C GLU A 353 4.40 -16.18 -9.06
N ALA A 354 4.60 -14.96 -9.53
CA ALA A 354 5.72 -14.60 -10.42
C ALA A 354 7.05 -14.95 -9.72
N GLN A 355 7.18 -14.60 -8.43
CA GLN A 355 8.45 -14.79 -7.69
C GLN A 355 8.71 -16.27 -7.45
N LEU A 356 7.71 -17.10 -7.19
CA LEU A 356 7.92 -18.59 -7.07
C LEU A 356 8.39 -19.15 -8.43
N ILE A 357 7.84 -18.66 -9.53
CA ILE A 357 8.18 -19.17 -10.88
C ILE A 357 9.60 -18.76 -11.21
N ARG A 358 9.98 -17.51 -10.92
CA ARG A 358 11.38 -17.07 -11.03
C ARG A 358 12.27 -17.97 -10.17
N GLN A 359 11.91 -18.26 -8.93
CA GLN A 359 12.67 -19.22 -8.09
C GLN A 359 12.73 -20.60 -8.80
N MET A 360 11.66 -21.06 -9.45
CA MET A 360 11.65 -22.37 -10.15
C MET A 360 12.72 -22.35 -11.27
N GLU A 361 12.78 -21.25 -12.01
CA GLU A 361 13.67 -21.07 -13.16
C GLU A 361 15.10 -21.12 -12.67
N GLY A 362 15.44 -20.43 -11.59
CA GLY A 362 16.81 -20.46 -11.02
C GLY A 362 17.21 -21.87 -10.55
N GLU A 363 16.30 -22.64 -10.00
CA GLU A 363 16.59 -24.01 -9.51
C GLU A 363 16.59 -25.00 -10.69
N GLY A 364 16.34 -24.54 -11.92
CA GLY A 364 16.19 -25.39 -13.11
C GLY A 364 15.05 -26.42 -12.98
N VAL A 365 13.95 -26.09 -12.31
CA VAL A 365 12.73 -26.96 -12.26
C VAL A 365 12.17 -27.17 -13.68
N PHE A 366 12.42 -26.24 -14.60
CA PHE A 366 11.98 -26.30 -16.02
C PHE A 366 13.04 -25.60 -16.88
N LYS A 367 13.19 -26.05 -18.13
CA LYS A 367 14.30 -25.65 -19.03
C LYS A 367 13.83 -24.49 -19.92
N SER A 368 12.61 -24.51 -20.43
CA SER A 368 12.14 -23.52 -21.43
C SER A 368 10.72 -23.07 -21.14
N ILE A 369 10.44 -21.78 -21.40
CA ILE A 369 9.10 -21.15 -21.28
C ILE A 369 8.25 -21.32 -22.55
N GLN A 370 8.88 -21.72 -23.65
CA GLN A 370 8.25 -21.82 -25.00
C GLN A 370 7.14 -22.89 -24.96
N HIS A 371 7.44 -24.03 -24.34
CA HIS A 371 6.48 -25.14 -24.09
C HIS A 371 6.86 -25.84 -22.78
N LEU A 372 5.93 -25.86 -21.81
CA LEU A 372 6.08 -26.60 -20.53
C LEU A 372 5.67 -28.06 -20.78
N THR A 373 6.65 -28.97 -20.71
CA THR A 373 6.46 -30.43 -20.92
C THR A 373 5.73 -31.01 -19.71
N VAL A 374 4.93 -32.06 -19.96
CA VAL A 374 4.13 -32.75 -18.90
C VAL A 374 5.05 -33.32 -17.81
N THR A 375 6.19 -33.90 -18.20
CA THR A 375 7.14 -34.36 -17.15
C THR A 375 7.55 -33.14 -16.33
N GLU A 376 7.76 -32.00 -16.99
CA GLU A 376 8.10 -30.75 -16.26
C GLU A 376 6.87 -30.29 -15.47
N GLU A 377 5.68 -30.49 -16.03
CA GLU A 377 4.43 -30.11 -15.31
C GLU A 377 4.38 -30.83 -13.97
N ILE A 378 4.61 -32.15 -13.97
CA ILE A 378 4.52 -32.93 -12.70
C ILE A 378 5.64 -32.46 -11.78
N ALA A 379 6.83 -32.21 -12.33
CA ALA A 379 7.98 -31.77 -11.52
C ALA A 379 7.65 -30.44 -10.85
N VAL A 380 7.05 -29.52 -11.61
CA VAL A 380 6.66 -28.21 -11.05
C VAL A 380 5.67 -28.44 -9.90
N LYS A 381 4.67 -29.29 -10.14
CA LYS A 381 3.65 -29.58 -9.10
C LYS A 381 4.33 -30.25 -7.90
N ASN A 382 5.28 -31.15 -8.15
CA ASN A 382 5.98 -31.87 -7.06
C ASN A 382 6.83 -30.87 -6.27
N TRP A 383 7.43 -29.90 -6.97
CA TRP A 383 8.23 -28.85 -6.30
C TRP A 383 7.33 -28.04 -5.37
N LEU A 384 6.19 -27.59 -5.88
CA LEU A 384 5.25 -26.78 -5.08
C LEU A 384 4.80 -27.56 -3.83
N VAL A 385 4.52 -28.85 -3.98
CA VAL A 385 3.97 -29.65 -2.85
C VAL A 385 5.06 -29.95 -1.82
N ARG A 386 6.30 -30.09 -2.26
CA ARG A 386 7.37 -30.54 -1.33
C ARG A 386 8.11 -29.33 -0.72
N VAL A 387 8.28 -28.22 -1.46
CA VAL A 387 9.10 -27.06 -0.98
C VAL A 387 8.35 -25.74 -1.18
N GLY A 388 7.15 -25.78 -1.76
CA GLY A 388 6.35 -24.57 -2.05
C GLY A 388 6.34 -23.62 -0.86
N ARG A 389 5.93 -24.13 0.31
CA ARG A 389 5.76 -23.33 1.55
C ARG A 389 7.14 -22.81 1.98
N GLU A 390 8.18 -23.64 1.90
CA GLU A 390 9.57 -23.20 2.25
C GLU A 390 10.00 -22.04 1.34
N ARG A 391 9.66 -22.06 0.05
CA ARG A 391 10.07 -21.00 -0.89
C ARG A 391 9.25 -19.74 -0.64
N LEU A 392 8.01 -19.88 -0.21
CA LEU A 392 7.14 -18.71 0.13
C LEU A 392 7.73 -18.00 1.36
N SER A 393 8.26 -18.75 2.31
CA SER A 393 8.85 -18.20 3.55
C SER A 393 10.15 -17.45 3.30
N ARG A 394 10.73 -17.56 2.08
CA ARG A 394 11.99 -16.92 1.67
C ARG A 394 11.72 -15.52 1.11
N MET A 395 10.47 -15.10 1.12
CA MET A 395 10.03 -13.83 0.52
C MET A 395 9.21 -12.98 1.51
N ALA A 396 9.29 -11.66 1.34
CA ALA A 396 8.41 -10.62 1.89
C ALA A 396 7.82 -9.85 0.70
N ILE A 397 6.50 -9.89 0.56
CA ILE A 397 5.78 -9.36 -0.62
C ILE A 397 4.64 -8.48 -0.11
N SER A 398 4.63 -7.24 -0.58
CA SER A 398 3.64 -6.22 -0.27
C SER A 398 3.16 -5.66 -1.58
N GLY A 399 2.04 -6.17 -2.11
CA GLY A 399 1.61 -5.71 -3.45
C GLY A 399 2.70 -5.94 -4.49
N ASP A 400 3.03 -4.91 -5.26
CA ASP A 400 4.07 -5.01 -6.32
C ASP A 400 5.46 -5.00 -5.70
N ASP A 401 5.59 -4.87 -4.38
CA ASP A 401 6.93 -4.73 -3.76
C ASP A 401 7.38 -6.10 -3.24
N CYS A 402 8.62 -6.51 -3.50
CA CYS A 402 9.14 -7.80 -2.98
C CYS A 402 10.62 -7.74 -2.59
N VAL A 403 10.95 -8.65 -1.69
CA VAL A 403 12.31 -9.06 -1.29
C VAL A 403 12.33 -10.59 -1.36
N VAL A 404 13.28 -11.19 -2.08
CA VAL A 404 13.42 -12.67 -2.21
C VAL A 404 14.83 -13.05 -1.79
N LYS A 405 14.95 -14.04 -0.93
CA LYS A 405 16.24 -14.65 -0.62
C LYS A 405 16.20 -16.06 -1.18
N PRO A 406 16.64 -16.25 -2.45
CA PRO A 406 16.54 -17.56 -3.11
C PRO A 406 17.56 -18.54 -2.56
N LEU A 407 17.39 -19.79 -2.94
CA LEU A 407 18.33 -20.89 -2.57
C LEU A 407 19.79 -20.51 -2.88
N ASP A 408 20.06 -19.77 -3.98
CA ASP A 408 21.44 -19.41 -4.44
C ASP A 408 21.36 -18.32 -5.51
N ASP A 409 22.50 -17.87 -6.07
CA ASP A 409 22.46 -16.66 -6.92
C ASP A 409 22.13 -16.97 -8.39
N ARG A 410 21.72 -18.19 -8.76
CA ARG A 410 21.25 -18.44 -10.15
C ARG A 410 20.00 -17.60 -10.42
N PHE A 411 19.21 -17.34 -9.37
CA PHE A 411 18.00 -16.50 -9.43
C PHE A 411 18.30 -15.20 -10.20
N ALA A 412 19.48 -14.61 -9.98
CA ALA A 412 19.88 -13.28 -10.52
C ALA A 412 19.79 -13.23 -12.05
N SER A 413 20.07 -14.33 -12.74
CA SER A 413 20.04 -14.35 -14.23
C SER A 413 18.86 -15.18 -14.75
N ALA A 414 17.96 -15.65 -13.88
CA ALA A 414 16.74 -16.40 -14.28
C ALA A 414 15.66 -15.41 -14.73
N LEU A 415 15.70 -14.97 -15.97
CA LEU A 415 14.93 -13.78 -16.40
C LEU A 415 13.88 -14.10 -17.47
N THR A 416 13.79 -15.34 -17.97
CA THR A 416 12.96 -15.60 -19.18
C THR A 416 11.48 -15.54 -18.78
N ALA A 417 11.08 -16.30 -17.76
CA ALA A 417 9.70 -16.35 -17.26
C ALA A 417 9.26 -14.94 -16.81
N LEU A 418 10.10 -14.26 -16.02
CA LEU A 418 9.74 -12.94 -15.46
C LEU A 418 9.47 -11.92 -16.57
N ASN A 419 10.33 -11.88 -17.60
CA ASN A 419 10.20 -10.97 -18.77
C ASN A 419 8.98 -11.38 -19.63
N ASP A 420 8.79 -12.68 -19.90
CA ASP A 420 7.64 -13.19 -20.70
C ASP A 420 6.29 -13.02 -19.96
N MET A 421 6.23 -13.11 -18.63
CA MET A 421 4.99 -12.74 -17.86
C MET A 421 4.71 -11.23 -17.94
N GLY A 422 5.64 -10.43 -18.48
CA GLY A 422 5.50 -8.96 -18.61
C GLY A 422 5.97 -8.16 -17.41
N LYS A 423 6.54 -8.80 -16.38
CA LYS A 423 7.00 -8.13 -15.13
C LYS A 423 8.46 -7.68 -15.30
N VAL A 424 8.64 -6.77 -16.25
CA VAL A 424 9.95 -6.20 -16.68
C VAL A 424 10.52 -5.37 -15.54
N ARG A 425 11.78 -5.59 -15.16
CA ARG A 425 12.39 -4.91 -14.00
C ARG A 425 12.60 -3.43 -14.36
N LYS A 426 12.52 -2.53 -13.36
CA LYS A 426 12.79 -1.07 -13.50
C LYS A 426 14.31 -0.80 -13.54
N ASP A 427 14.76 0.14 -14.38
CA ASP A 427 16.13 0.72 -14.40
C ASP A 427 17.25 -0.34 -14.51
N ILE A 428 17.13 -1.29 -15.43
CA ILE A 428 18.20 -2.30 -15.72
C ILE A 428 17.86 -2.93 -17.06
N GLN A 429 18.86 -3.21 -17.90
CA GLN A 429 18.64 -3.81 -19.24
C GLN A 429 17.91 -5.15 -19.05
N GLN A 430 17.01 -5.42 -19.98
CA GLN A 430 16.07 -6.55 -19.92
C GLN A 430 16.80 -7.85 -19.55
N TRP A 431 18.02 -8.09 -20.06
CA TRP A 431 18.71 -9.40 -19.92
C TRP A 431 19.96 -9.28 -19.07
N GLU A 432 20.15 -8.14 -18.40
CA GLU A 432 21.23 -7.92 -17.40
C GLU A 432 20.84 -8.61 -16.09
N PRO A 433 21.73 -9.41 -15.45
CA PRO A 433 21.41 -10.04 -14.17
C PRO A 433 21.16 -9.07 -13.02
N SER A 434 20.24 -9.44 -12.13
CA SER A 434 19.83 -8.60 -10.99
C SER A 434 21.05 -8.47 -10.08
N ARG A 435 21.25 -7.28 -9.52
CA ARG A 435 22.26 -7.01 -8.46
C ARG A 435 21.56 -7.14 -7.10
N GLY A 436 21.98 -8.12 -6.29
CA GLY A 436 21.38 -8.42 -4.98
C GLY A 436 22.11 -7.73 -3.84
N TRP A 437 21.58 -7.82 -2.63
CA TRP A 437 22.11 -7.13 -1.44
C TRP A 437 22.68 -8.20 -0.53
N ASN A 438 23.82 -7.93 0.09
CA ASN A 438 24.50 -8.93 0.96
C ASN A 438 24.13 -8.74 2.42
N ASP A 439 23.47 -7.62 2.74
CA ASP A 439 23.17 -7.19 4.14
C ASP A 439 21.68 -6.82 4.20
N TRP A 440 20.90 -7.47 5.05
CA TRP A 440 19.44 -7.19 5.17
C TRP A 440 19.18 -5.73 5.58
N THR A 441 20.13 -5.05 6.21
CA THR A 441 19.97 -3.65 6.68
C THR A 441 20.18 -2.66 5.55
N GLN A 442 20.47 -3.13 4.34
CA GLN A 442 20.58 -2.28 3.12
C GLN A 442 19.42 -2.51 2.13
N VAL A 443 18.71 -3.62 2.24
CA VAL A 443 17.62 -3.99 1.29
C VAL A 443 16.55 -2.92 1.40
N PRO A 444 16.04 -2.34 0.31
CA PRO A 444 14.84 -1.50 0.39
C PRO A 444 13.55 -2.34 0.41
N PHE A 445 12.55 -1.93 1.20
CA PHE A 445 11.22 -2.60 1.25
C PHE A 445 10.19 -1.61 1.83
N CYS A 446 9.08 -1.40 1.11
CA CYS A 446 7.93 -0.53 1.48
C CYS A 446 8.45 0.89 1.74
N SER A 447 9.38 1.34 0.91
CA SER A 447 9.96 2.71 0.90
C SER A 447 10.87 2.87 2.14
N HIS A 448 11.24 1.78 2.80
CA HIS A 448 12.09 1.87 4.01
C HIS A 448 13.36 1.02 3.90
N HIS A 449 14.31 1.27 4.82
CA HIS A 449 15.38 0.32 5.20
C HIS A 449 15.28 0.14 6.73
N PHE A 450 16.07 -0.77 7.26
CA PHE A 450 15.94 -1.22 8.66
C PHE A 450 17.31 -1.24 9.30
N HIS A 451 17.43 -0.60 10.46
CA HIS A 451 18.64 -0.60 11.29
C HIS A 451 18.46 -1.59 12.44
N GLU A 452 19.54 -2.30 12.83
CA GLU A 452 19.54 -3.23 14.00
C GLU A 452 20.12 -2.50 15.21
N LEU A 453 19.26 -1.87 16.02
CA LEU A 453 19.65 -0.95 17.12
C LEU A 453 19.75 -1.72 18.45
N ILE A 454 20.71 -1.37 19.29
CA ILE A 454 20.99 -2.07 20.58
C ILE A 454 20.66 -1.12 21.74
N MET A 455 19.78 -1.54 22.66
CA MET A 455 19.42 -0.67 23.81
C MET A 455 20.50 -0.78 24.88
N LYS A 456 20.65 0.27 25.68
N LYS A 456 20.64 0.26 25.71
CA LYS A 456 21.59 0.37 26.83
CA LYS A 456 21.66 0.35 26.78
C LYS A 456 21.65 -0.97 27.57
C LYS A 456 21.64 -0.95 27.60
N ASP A 457 20.51 -1.67 27.62
CA ASP A 457 20.36 -2.96 28.38
C ASP A 457 20.56 -4.22 27.50
N GLY A 458 20.99 -4.07 26.23
CA GLY A 458 21.38 -5.18 25.33
C GLY A 458 20.20 -5.76 24.56
N ARG A 459 18.97 -5.40 24.86
CA ARG A 459 17.84 -5.85 24.01
C ARG A 459 17.95 -5.19 22.62
N VAL A 460 17.40 -5.89 21.64
CA VAL A 460 17.63 -5.55 20.22
C VAL A 460 16.31 -5.09 19.61
N LEU A 461 16.29 -3.83 19.20
CA LEU A 461 15.26 -3.23 18.34
C LEU A 461 15.71 -3.37 16.88
N VAL A 462 14.78 -3.75 16.02
CA VAL A 462 14.91 -3.59 14.56
C VAL A 462 13.92 -2.51 14.13
N VAL A 463 14.45 -1.39 13.65
CA VAL A 463 13.67 -0.14 13.51
C VAL A 463 13.59 0.27 12.05
N PRO A 464 12.47 0.82 11.62
CA PRO A 464 12.33 1.26 10.23
C PRO A 464 12.90 2.66 10.10
N CYS A 465 13.34 2.99 8.88
CA CYS A 465 14.04 4.26 8.57
C CYS A 465 13.88 4.61 7.10
N ARG A 466 13.91 5.91 6.80
CA ARG A 466 14.04 6.45 5.42
C ARG A 466 14.63 7.85 5.50
N ASN A 467 15.00 8.41 4.35
CA ASN A 467 15.64 9.74 4.28
C ASN A 467 14.70 10.72 5.00
N GLN A 468 15.23 11.40 6.00
CA GLN A 468 14.47 12.26 6.90
C GLN A 468 13.81 13.39 6.11
N ASP A 469 14.37 13.81 4.98
CA ASP A 469 13.73 14.85 4.13
C ASP A 469 12.38 14.37 3.63
N GLU A 470 12.26 13.08 3.32
CA GLU A 470 10.99 12.44 2.86
C GLU A 470 9.98 12.45 4.02
N LEU A 471 10.39 12.10 5.25
CA LEU A 471 9.52 12.12 6.45
C LEU A 471 9.02 13.54 6.74
N ILE A 472 9.91 14.51 6.79
CA ILE A 472 9.50 15.89 7.16
C ILE A 472 8.64 16.50 6.04
N GLY A 473 9.02 16.30 4.77
CA GLY A 473 8.24 16.80 3.62
C GLY A 473 6.82 16.23 3.58
N ARG A 474 6.59 14.97 3.96
CA ARG A 474 5.22 14.37 3.94
C ARG A 474 4.37 14.95 5.08
N ALA A 475 4.92 15.09 6.28
CA ALA A 475 4.22 15.64 7.46
C ALA A 475 3.86 17.09 7.20
N ARG A 476 4.53 17.80 6.29
CA ARG A 476 4.19 19.23 6.03
C ARG A 476 3.04 19.35 5.03
N ILE A 477 2.54 18.23 4.55
CA ILE A 477 1.48 18.25 3.52
C ILE A 477 0.15 17.75 4.11
N SER A 478 -0.92 18.45 3.76
N SER A 478 -0.94 18.46 3.81
CA SER A 478 -2.33 18.07 4.03
CA SER A 478 -2.33 18.02 4.06
C SER A 478 -3.07 17.90 2.70
C SER A 478 -3.09 17.91 2.72
N GLN A 479 -3.87 16.83 2.56
CA GLN A 479 -4.76 16.63 1.38
C GLN A 479 -6.13 17.21 1.71
N GLY A 480 -6.69 18.04 0.82
CA GLY A 480 -8.10 18.49 0.84
C GLY A 480 -8.30 19.92 1.33
N ALA A 481 -9.57 20.35 1.32
CA ALA A 481 -10.04 21.73 1.60
C ALA A 481 -10.80 21.76 2.93
N GLY A 482 -11.01 22.97 3.46
CA GLY A 482 -11.88 23.28 4.62
C GLY A 482 -11.28 22.82 5.92
N TRP A 483 -9.95 22.77 6.04
CA TRP A 483 -9.32 22.38 7.34
C TRP A 483 -9.39 23.57 8.30
N SER A 484 -10.03 23.38 9.41
CA SER A 484 -9.93 24.34 10.54
C SER A 484 -8.50 24.30 11.05
N LEU A 485 -8.11 25.24 11.92
CA LEU A 485 -6.83 25.19 12.66
C LEU A 485 -6.75 23.94 13.51
N ARG A 486 -7.87 23.59 14.12
CA ARG A 486 -7.89 22.49 15.09
C ARG A 486 -7.62 21.16 14.36
N GLU A 487 -8.23 20.97 13.19
CA GLU A 487 -8.08 19.76 12.35
C GLU A 487 -6.63 19.64 11.85
N THR A 488 -6.04 20.77 11.43
CA THR A 488 -4.63 20.88 10.96
C THR A 488 -3.68 20.47 12.11
N ALA A 489 -3.97 20.89 13.34
CA ALA A 489 -3.13 20.62 14.51
C ALA A 489 -3.23 19.13 14.86
N CYS A 490 -4.41 18.52 14.75
CA CYS A 490 -4.64 17.08 15.06
C CYS A 490 -3.96 16.21 14.00
N LEU A 491 -3.91 16.64 12.75
CA LEU A 491 -3.10 15.90 11.73
C LEU A 491 -1.60 16.04 12.04
N GLY A 492 -1.15 17.22 12.41
CA GLY A 492 0.25 17.42 12.80
C GLY A 492 0.63 16.51 13.94
N LYS A 493 -0.30 16.31 14.86
CA LYS A 493 -0.14 15.46 16.06
C LYS A 493 -0.12 14.00 15.67
N SER A 494 -0.88 13.57 14.67
CA SER A 494 -0.79 12.17 14.16
C SER A 494 0.64 11.92 13.64
N TYR A 495 1.21 12.84 12.88
CA TYR A 495 2.60 12.64 12.35
C TYR A 495 3.58 12.57 13.53
N ALA A 496 3.45 13.48 14.50
CA ALA A 496 4.34 13.58 15.67
C ALA A 496 4.29 12.25 16.40
N GLN A 497 3.09 11.70 16.60
CA GLN A 497 2.94 10.44 17.40
C GLN A 497 3.51 9.28 16.57
N MET A 498 3.34 9.31 15.25
CA MET A 498 3.93 8.26 14.37
C MET A 498 5.46 8.30 14.50
N TRP A 499 6.02 9.50 14.46
CA TRP A 499 7.49 9.68 14.55
C TRP A 499 7.99 9.14 15.91
N SER A 500 7.28 9.42 17.00
N SER A 500 7.27 9.41 17.00
CA SER A 500 7.68 8.96 18.36
CA SER A 500 7.63 8.98 18.38
C SER A 500 7.66 7.43 18.43
C SER A 500 7.62 7.45 18.47
N LEU A 501 6.75 6.79 17.68
CA LEU A 501 6.61 5.32 17.71
C LEU A 501 7.57 4.59 16.75
N MET A 502 7.79 5.12 15.57
CA MET A 502 8.49 4.42 14.46
C MET A 502 9.92 4.97 14.29
N TYR A 503 10.13 6.28 14.45
CA TYR A 503 11.34 7.01 14.08
C TYR A 503 11.96 7.73 15.30
N PHE A 504 11.77 7.15 16.48
CA PHE A 504 12.21 7.70 17.80
C PHE A 504 13.73 7.80 17.80
N HIS A 505 14.36 6.95 16.98
CA HIS A 505 15.85 6.77 16.87
C HIS A 505 16.52 7.88 16.04
N ARG A 506 15.74 8.73 15.37
CA ARG A 506 16.25 9.89 14.61
C ARG A 506 16.16 11.10 15.55
N ARG A 507 17.30 11.73 15.86
CA ARG A 507 17.40 12.85 16.83
C ARG A 507 16.42 13.96 16.43
N ASP A 508 16.35 14.34 15.16
CA ASP A 508 15.53 15.51 14.76
C ASP A 508 14.03 15.18 14.89
N LEU A 509 13.63 13.93 14.72
CA LEU A 509 12.20 13.53 14.66
C LEU A 509 11.70 13.36 16.10
N ARG A 510 12.51 12.86 17.03
CA ARG A 510 12.12 12.81 18.46
C ARG A 510 11.89 14.23 18.96
N LEU A 511 12.77 15.17 18.60
CA LEU A 511 12.71 16.56 19.11
C LEU A 511 11.49 17.27 18.49
N ALA A 512 11.32 17.16 17.18
CA ALA A 512 10.18 17.82 16.49
C ALA A 512 8.85 17.20 16.99
N ALA A 513 8.81 15.89 17.25
CA ALA A 513 7.58 15.17 17.64
C ALA A 513 7.19 15.68 19.04
N ASN A 514 8.17 15.79 19.95
CA ASN A 514 7.97 16.36 21.30
C ASN A 514 7.50 17.82 21.19
N ALA A 515 8.08 18.61 20.31
CA ALA A 515 7.69 20.02 20.12
C ALA A 515 6.24 20.06 19.61
N ILE A 516 5.89 19.24 18.62
CA ILE A 516 4.51 19.30 18.07
C ILE A 516 3.52 18.87 19.19
N CYS A 517 3.79 17.80 19.94
CA CYS A 517 2.88 17.31 21.02
C CYS A 517 2.80 18.33 22.17
N SER A 518 3.79 19.19 22.33
CA SER A 518 3.81 20.27 23.35
C SER A 518 2.95 21.43 22.84
N ALA A 519 2.90 21.61 21.52
CA ALA A 519 2.26 22.79 20.90
C ALA A 519 0.77 22.56 20.61
N VAL A 520 0.30 21.32 20.57
CA VAL A 520 -1.11 20.94 20.31
C VAL A 520 -1.74 20.59 21.66
N PRO A 521 -2.97 21.06 21.96
CA PRO A 521 -3.62 20.79 23.24
C PRO A 521 -3.57 19.30 23.56
N SER A 522 -3.11 18.98 24.77
N SER A 522 -3.13 18.96 24.78
CA SER A 522 -2.81 17.61 25.27
CA SER A 522 -2.79 17.59 25.24
C SER A 522 -3.93 16.62 24.95
C SER A 522 -3.93 16.61 24.95
N HIS A 523 -5.19 17.05 25.13
CA HIS A 523 -6.38 16.15 24.96
C HIS A 523 -6.95 16.15 23.53
N TRP A 524 -6.47 16.97 22.57
CA TRP A 524 -7.01 16.95 21.18
C TRP A 524 -6.64 15.65 20.49
N VAL A 525 -7.58 15.06 19.77
CA VAL A 525 -7.41 13.66 19.27
C VAL A 525 -6.69 13.75 17.91
N PRO A 526 -5.66 12.91 17.67
CA PRO A 526 -5.08 12.82 16.34
C PRO A 526 -6.07 12.32 15.28
N THR A 527 -6.10 13.01 14.12
CA THR A 527 -6.97 12.70 12.95
C THR A 527 -6.13 12.42 11.70
N SER A 528 -6.78 11.90 10.66
CA SER A 528 -6.19 11.56 9.34
C SER A 528 -7.31 11.19 8.36
N ARG A 529 -7.54 12.02 7.34
CA ARG A 529 -8.57 11.79 6.28
C ARG A 529 -8.14 10.60 5.41
N ALA A 536 -0.77 -0.41 7.53
CA ALA A 536 -1.18 -1.68 8.18
C ALA A 536 -1.74 -1.40 9.59
N THR A 537 -0.88 -1.08 10.55
CA THR A 537 -1.25 -0.86 11.98
C THR A 537 -0.92 0.60 12.36
N HIS A 538 -1.88 1.29 12.95
N HIS A 538 -1.90 1.29 12.95
CA HIS A 538 -1.80 2.75 13.28
CA HIS A 538 -1.84 2.74 13.29
C HIS A 538 -1.93 2.95 14.80
C HIS A 538 -1.94 2.93 14.81
N GLU A 539 -0.97 2.40 15.55
CA GLU A 539 -0.96 2.47 17.04
C GLU A 539 -0.67 3.89 17.57
N TRP A 540 -0.27 4.82 16.71
CA TRP A 540 -0.06 6.24 17.09
C TRP A 540 -1.40 6.98 17.08
N MET A 541 -2.47 6.37 16.56
CA MET A 541 -3.78 7.04 16.44
C MET A 541 -4.55 6.81 17.76
N THR A 542 -4.25 7.60 18.79
CA THR A 542 -4.71 7.40 20.19
C THR A 542 -4.35 8.63 21.01
N THR A 543 -5.02 8.80 22.14
CA THR A 543 -4.68 9.87 23.12
C THR A 543 -3.97 9.21 24.32
N GLU A 544 -3.76 7.90 24.31
CA GLU A 544 -2.94 7.25 25.36
C GLU A 544 -1.54 7.87 25.35
N ASP A 545 -0.84 7.80 26.49
CA ASP A 545 0.55 8.29 26.65
C ASP A 545 1.48 7.54 25.68
N MET A 546 2.33 8.25 24.94
CA MET A 546 3.16 7.61 23.88
C MET A 546 4.22 6.70 24.51
N LEU A 547 4.78 7.00 25.69
CA LEU A 547 5.70 6.00 26.32
C LEU A 547 4.97 4.68 26.55
N THR A 548 3.68 4.72 26.95
CA THR A 548 2.92 3.48 27.24
C THR A 548 2.71 2.69 25.94
N VAL A 549 2.25 3.33 24.87
CA VAL A 549 2.14 2.69 23.53
C VAL A 549 3.50 2.15 23.05
N TRP A 550 4.57 2.90 23.19
CA TRP A 550 5.94 2.43 22.83
C TRP A 550 6.23 1.09 23.54
N ASN A 551 5.96 1.00 24.84
CA ASN A 551 6.25 -0.21 25.66
C ASN A 551 5.39 -1.36 25.12
N ARG A 552 4.12 -1.09 24.79
CA ARG A 552 3.22 -2.14 24.28
C ARG A 552 3.79 -2.71 22.96
N VAL A 553 4.13 -1.80 22.02
CA VAL A 553 4.46 -2.16 20.61
C VAL A 553 5.85 -2.81 20.54
N TRP A 554 6.84 -2.25 21.24
CA TRP A 554 8.28 -2.58 21.07
C TRP A 554 8.68 -3.66 22.07
N ILE A 555 7.95 -3.84 23.19
CA ILE A 555 8.35 -4.80 24.28
C ILE A 555 7.26 -5.86 24.43
N GLN A 556 6.09 -5.46 24.95
CA GLN A 556 5.03 -6.38 25.43
C GLN A 556 4.58 -7.26 24.26
N GLU A 557 4.15 -6.67 23.15
CA GLU A 557 3.53 -7.40 22.03
C GLU A 557 4.59 -7.80 20.97
N ASN A 558 5.88 -7.57 21.22
CA ASN A 558 6.96 -7.79 20.21
C ASN A 558 7.44 -9.23 20.34
N PRO A 559 7.09 -10.15 19.42
CA PRO A 559 7.44 -11.55 19.61
C PRO A 559 8.93 -11.87 19.43
N TRP A 560 9.74 -10.90 19.03
CA TRP A 560 11.23 -11.05 18.87
C TRP A 560 11.98 -10.56 20.12
N MET A 561 11.28 -10.02 21.14
CA MET A 561 11.83 -9.58 22.45
C MET A 561 11.46 -10.61 23.52
N GLU A 562 12.41 -11.38 24.07
CA GLU A 562 12.15 -12.37 25.17
C GLU A 562 11.94 -11.66 26.52
N ASP A 563 12.79 -10.71 26.89
CA ASP A 563 12.68 -9.99 28.18
C ASP A 563 11.64 -8.86 28.06
N LYS A 564 10.60 -8.89 28.90
CA LYS A 564 9.40 -8.01 28.76
C LYS A 564 9.45 -6.88 29.78
N THR A 565 10.63 -6.58 30.32
CA THR A 565 10.79 -5.48 31.31
C THR A 565 10.38 -4.15 30.67
N PRO A 566 9.37 -3.42 31.19
CA PRO A 566 8.98 -2.16 30.55
C PRO A 566 10.13 -1.16 30.66
N VAL A 567 10.22 -0.25 29.69
CA VAL A 567 11.09 0.96 29.77
C VAL A 567 10.32 1.98 30.61
N GLU A 568 11.03 2.77 31.43
CA GLU A 568 10.42 3.65 32.46
C GLU A 568 10.62 5.13 32.10
N SER A 569 11.36 5.40 31.01
CA SER A 569 11.60 6.79 30.51
C SER A 569 12.04 6.76 29.04
N TRP A 570 11.87 7.89 28.34
CA TRP A 570 12.34 8.05 26.94
C TRP A 570 13.88 7.99 26.84
N GLU A 571 14.61 8.39 27.89
CA GLU A 571 16.10 8.41 27.87
C GLU A 571 16.67 6.99 27.80
N GLU A 572 15.88 5.96 28.10
CA GLU A 572 16.33 4.53 28.03
C GLU A 572 16.10 4.00 26.61
N ILE A 573 15.52 4.83 25.74
CA ILE A 573 15.21 4.48 24.33
C ILE A 573 16.29 5.10 23.45
N PRO A 574 17.13 4.28 22.77
CA PRO A 574 18.32 4.80 22.09
C PRO A 574 18.10 5.50 20.75
N TYR A 575 19.12 6.23 20.31
CA TYR A 575 19.20 6.82 18.95
C TYR A 575 20.14 5.94 18.11
N LEU A 576 20.05 6.02 16.77
CA LEU A 576 21.15 5.65 15.82
C LEU A 576 22.44 6.35 16.26
N GLY A 577 23.59 5.80 15.86
CA GLY A 577 24.87 6.53 15.93
C GLY A 577 24.69 7.89 15.28
N LYS A 578 25.40 8.90 15.77
CA LYS A 578 25.29 10.26 15.21
C LYS A 578 25.62 10.30 13.70
N ARG A 579 26.63 9.53 13.26
CA ARG A 579 27.07 9.55 11.84
C ARG A 579 25.99 8.86 10.99
N GLU A 580 25.45 7.73 11.49
CA GLU A 580 24.35 7.01 10.81
C GLU A 580 23.12 7.93 10.72
N ASP A 581 22.87 8.74 11.74
CA ASP A 581 21.72 9.68 11.77
C ASP A 581 21.89 10.70 10.64
N GLN A 582 23.12 11.20 10.45
CA GLN A 582 23.47 12.22 9.41
C GLN A 582 23.40 11.59 8.02
N TRP A 583 23.93 10.38 7.88
CA TRP A 583 23.80 9.58 6.65
C TRP A 583 22.32 9.49 6.21
N CYS A 584 21.38 9.29 7.15
CA CYS A 584 19.94 9.16 6.80
C CYS A 584 19.24 10.53 6.80
N GLY A 585 19.99 11.64 6.80
CA GLY A 585 19.43 12.97 6.51
C GLY A 585 19.37 13.91 7.70
N SER A 586 19.83 13.51 8.89
CA SER A 586 19.80 14.40 10.07
C SER A 586 20.50 15.72 9.72
N LEU A 587 20.03 16.83 10.29
CA LEU A 587 20.72 18.14 10.28
C LEU A 587 21.52 18.31 11.57
N ILE A 588 21.66 17.27 12.40
CA ILE A 588 22.51 17.35 13.62
C ILE A 588 23.91 17.81 13.17
N GLY A 589 24.47 18.82 13.82
CA GLY A 589 25.79 19.38 13.46
C GLY A 589 25.68 20.73 12.78
N LEU A 590 24.59 21.03 12.06
CA LEU A 590 24.38 22.37 11.46
C LEU A 590 23.99 23.41 12.52
N THR A 591 24.37 24.63 12.21
CA THR A 591 24.12 25.83 13.04
C THR A 591 22.61 26.05 13.08
N SER A 592 21.93 26.03 11.93
CA SER A 592 20.45 26.25 11.87
C SER A 592 19.67 25.28 12.81
N ARG A 593 20.11 24.02 12.90
CA ARG A 593 19.48 22.98 13.74
C ARG A 593 19.78 23.23 15.22
N ALA A 594 21.01 23.62 15.56
CA ALA A 594 21.39 23.91 16.96
C ALA A 594 20.60 25.13 17.49
N THR A 595 20.33 26.13 16.66
CA THR A 595 19.50 27.27 17.05
C THR A 595 18.05 26.82 17.27
N TRP A 596 17.54 26.06 16.31
CA TRP A 596 16.16 25.51 16.37
C TRP A 596 15.98 24.76 17.69
N ALA A 597 16.89 23.83 17.99
CA ALA A 597 16.84 22.97 19.20
C ALA A 597 16.89 23.84 20.47
N LYS A 598 17.88 24.72 20.55
CA LYS A 598 18.09 25.59 21.75
C LYS A 598 16.84 26.45 22.00
N ASN A 599 16.21 27.01 20.97
CA ASN A 599 15.09 27.99 21.10
C ASN A 599 13.73 27.36 20.81
N ILE A 600 13.57 26.07 21.09
CA ILE A 600 12.39 25.27 20.65
C ILE A 600 11.13 25.76 21.38
N GLN A 601 11.27 26.13 22.66
N GLN A 601 11.26 26.14 22.66
CA GLN A 601 10.15 26.63 23.52
CA GLN A 601 10.12 26.61 23.50
C GLN A 601 9.54 27.87 22.86
C GLN A 601 9.53 27.90 22.88
N THR A 602 10.33 28.70 22.19
CA THR A 602 9.83 29.89 21.43
C THR A 602 8.98 29.46 20.22
N ALA A 603 9.32 28.38 19.55
CA ALA A 603 8.52 27.92 18.39
C ALA A 603 7.24 27.35 18.94
N ILE A 604 7.34 26.51 19.96
CA ILE A 604 6.16 25.92 20.65
C ILE A 604 5.17 27.02 21.08
N ASN A 605 5.66 28.09 21.73
CA ASN A 605 4.84 29.25 22.19
C ASN A 605 4.20 29.96 20.98
N GLN A 606 4.88 30.06 19.85
CA GLN A 606 4.30 30.74 18.66
C GLN A 606 3.03 29.97 18.25
N VAL A 607 3.10 28.64 18.24
CA VAL A 607 1.97 27.82 17.75
C VAL A 607 0.88 27.87 18.87
N ARG A 608 1.25 27.79 20.15
CA ARG A 608 0.28 27.93 21.29
C ARG A 608 -0.49 29.26 21.19
N SER A 609 0.19 30.36 20.91
CA SER A 609 -0.47 31.67 20.74
C SER A 609 -1.46 31.63 19.59
N LEU A 610 -1.19 30.88 18.54
CA LEU A 610 -2.08 30.89 17.34
C LEU A 610 -3.36 30.11 17.63
N ILE A 611 -3.23 28.97 18.30
CA ILE A 611 -4.34 28.03 18.62
C ILE A 611 -5.18 28.67 19.74
N GLY A 612 -4.50 29.23 20.74
CA GLY A 612 -5.06 30.10 21.79
C GLY A 612 -4.96 29.45 23.18
N ASN A 613 -5.90 29.77 24.06
CA ASN A 613 -5.78 29.53 25.51
C ASN A 613 -6.41 28.17 25.80
N GLU A 614 -5.60 27.12 25.81
CA GLU A 614 -6.01 25.69 25.82
C GLU A 614 -5.14 25.04 26.87
N GLU A 615 -5.42 23.78 27.19
CA GLU A 615 -4.57 23.01 28.14
C GLU A 615 -3.47 22.34 27.29
N TYR A 616 -2.21 22.72 27.53
CA TYR A 616 -0.99 22.18 26.89
C TYR A 616 -0.14 21.46 27.94
N THR A 617 0.60 20.42 27.52
CA THR A 617 1.70 19.76 28.28
C THR A 617 3.07 20.09 27.66
N ASP A 618 4.10 20.16 28.52
CA ASP A 618 5.48 20.35 28.02
C ASP A 618 6.15 18.98 27.98
N TYR A 619 6.42 18.45 26.79
CA TYR A 619 7.04 17.11 26.65
C TYR A 619 8.55 17.24 26.44
N MET A 620 9.06 18.45 26.25
CA MET A 620 10.52 18.65 25.97
C MET A 620 11.39 18.10 27.11
N PRO A 621 11.02 18.26 28.41
CA PRO A 621 11.82 17.69 29.52
C PRO A 621 11.96 16.17 29.43
N SER A 622 11.23 15.51 28.53
CA SER A 622 11.40 14.05 28.32
C SER A 622 12.77 13.82 27.69
N MET A 623 13.36 14.87 27.11
CA MET A 623 14.71 14.78 26.51
C MET A 623 15.74 15.29 27.52
N LYS A 624 16.83 14.56 27.72
CA LYS A 624 17.84 14.92 28.74
C LYS A 624 18.28 16.37 28.61
N ARG A 625 18.50 16.84 27.39
CA ARG A 625 19.08 18.21 27.23
C ARG A 625 18.11 19.26 27.79
N PHE A 626 16.80 19.06 27.60
CA PHE A 626 15.72 20.00 28.00
C PHE A 626 15.35 19.76 29.48
N ARG A 627 15.69 18.58 30.00
CA ARG A 627 15.40 18.17 31.40
C ARG A 627 16.20 19.09 32.34
N ARG A 628 16.17 20.40 32.09
CA ARG A 628 16.90 21.43 32.87
C ARG A 628 18.36 21.48 32.42
ZN ZN B . 18.42 4.90 8.05
ZN ZN C . -22.29 -3.69 -12.43
O1 MES D . -3.09 29.35 10.91
O1 MES D . -2.91 29.07 10.68
C2 MES D . -2.67 30.50 10.22
C2 MES D . -2.25 30.25 10.23
C3 MES D . -1.72 30.15 9.10
C3 MES D . -0.96 29.94 9.50
N4 MES D . -0.54 29.40 9.63
N4 MES D . -0.05 29.13 10.38
C5 MES D . -1.01 28.23 10.43
C5 MES D . -0.79 27.89 10.78
C6 MES D . -1.98 28.69 11.49
C6 MES D . -2.05 28.29 11.49
C7 MES D . 0.38 28.97 8.52
C7 MES D . 1.28 28.82 9.75
C8 MES D . 1.81 28.76 8.98
C8 MES D . 1.29 28.83 8.24
S MES D . 2.91 28.49 7.60
S MES D . 2.93 28.76 7.51
O1S MES D . 3.66 29.69 7.44
O1S MES D . 3.79 29.52 8.39
O2S MES D . 3.75 27.37 8.01
O2S MES D . 3.29 27.37 7.50
O3S MES D . 2.10 28.15 6.49
O3S MES D . 2.79 29.33 6.21
S DMS E . 5.23 13.16 23.05
O DMS E . 5.95 12.28 24.10
C1 DMS E . 3.57 12.53 22.97
C2 DMS E . 5.77 12.50 21.49
S DMS F . 19.70 8.86 25.44
O DMS F . 18.70 7.97 24.76
C1 DMS F . 18.87 10.39 25.74
C2 DMS F . 20.82 9.42 24.18
S DMS G . -0.49 9.65 9.35
O DMS G . -1.43 8.90 10.25
C1 DMS G . 0.67 8.45 8.82
C2 DMS G . 0.58 10.49 10.46
P PO4 H . 11.76 -3.39 -3.85
O1 PO4 H . 13.13 -2.72 -4.47
O2 PO4 H . 11.39 -4.77 -4.59
O3 PO4 H . 11.86 -3.64 -2.27
O4 PO4 H . 10.67 -2.40 -4.14
P PO4 I . -15.27 -20.51 -13.03
O1 PO4 I . -15.19 -19.14 -13.76
O2 PO4 I . -14.10 -21.40 -13.46
O3 PO4 I . -15.21 -20.29 -11.50
O4 PO4 I . -16.58 -21.20 -13.40
C1 PEG J . 7.60 -14.75 14.25
O1 PEG J . 6.49 -14.15 14.91
C2 PEG J . 8.44 -15.54 15.18
O2 PEG J . 9.01 -14.67 16.16
C3 PEG J . 9.66 -15.35 17.23
C4 PEG J . 11.13 -15.39 17.00
O4 PEG J . 11.86 -14.98 18.14
N1 K6U K . -7.22 -0.70 -1.73
C4 K6U K . -8.91 -2.24 2.86
C5 K6U K . -9.51 -1.48 1.89
C6 K6U K . -8.90 -1.31 0.66
C7 K6U K . -7.66 -1.90 0.40
C8 K6U K . -7.05 -1.69 -0.92
C1 K6U K . -5.54 -4.48 1.66
C2 K6U K . -7.06 -2.66 1.40
C3 K6U K . -7.68 -2.83 2.64
C9 K6U K . -5.86 -2.15 -2.64
N2 K6U K . -6.45 -0.99 -2.85
O1 K6U K . -5.84 -3.20 1.10
O2 K6U K . -6.21 -2.64 -1.42
N1 K6U L . -8.51 1.28 -6.09
C4 K6U L . -11.65 2.08 -2.13
C5 K6U L . -11.89 1.83 -3.47
C6 K6U L . -10.84 1.60 -4.33
C7 K6U L . -9.52 1.64 -3.87
C8 K6U L . -8.44 1.39 -4.81
C1 K6U L . -7.40 3.14 -1.81
C2 K6U L . -9.30 1.90 -2.51
C3 K6U L . -10.37 2.12 -1.64
C9 K6U L . -6.42 1.00 -5.47
N2 K6U L . -7.22 1.03 -6.54
O1 K6U L . -7.99 1.89 -2.11
O2 K6U L . -7.15 1.22 -4.35
CL CL M . 24.80 -4.93 0.36
#